data_1F6F
#
_entry.id   1F6F
#
_cell.length_a   168.180
_cell.length_b   63.100
_cell.length_c   88.430
_cell.angle_alpha   90.00
_cell.angle_beta   118.63
_cell.angle_gamma   90.00
#
_symmetry.space_group_name_H-M   'C 1 2 1'
#
loop_
_entity.id
_entity.type
_entity.pdbx_description
1 polymer 'PLACENTAL LACTOGEN'
2 polymer 'PROLACTIN RECEPTOR'
3 water water
#
loop_
_entity_poly.entity_id
_entity_poly.type
_entity_poly.pdbx_seq_one_letter_code
_entity_poly.pdbx_strand_id
1 'polypeptide(L)'
;AQHPPYCRNQPGKCQIPLQSLFDRATTVANYNSKLAGEMVNRFDEQYGQGINSESKVINCHTSSITTPNSKAEAINTEDK
ILFKLVISLLHSWDEPLHHAVTELANSKGTSPALLTKAQEIKEKAKVLVDGVEVIQKRIHPGEKNEPYPVWSEQSSLTSQ
DENVRRVAFYRLFHCLHRDSSKIYTYLRILKCRLTSCET
;
A
2 'polypeptide(L)'
;QSPPGKPEIHKCRSPDKETFTCWWNPGTDGGLPTNYSLTYSKEGEKTTYECPDYKTSGPNSCFFSKQYTSIWKIYIITVN
ATNQMGSSSSDPLYVDVTYIVEPEPPRNLTLEVKQLKDKKTYLWVKWSPPTITDVKTGWFTMEYEIRLKPEEAEEWEIHF
TGHQTQFKVFDLYPGQKYLVQTRCKPDHGYWSRWSQESSVEMPNDFTLKD
;
B,C
#
# COMPACT_ATOMS: atom_id res chain seq x y z
N ALA A 1 1.41 -30.33 -16.74
CA ALA A 1 0.07 -30.96 -16.69
C ALA A 1 -0.86 -30.12 -15.83
N GLN A 2 -0.33 -29.62 -14.72
CA GLN A 2 -1.07 -28.78 -13.79
C GLN A 2 -1.22 -27.35 -14.34
N HIS A 3 -2.18 -26.59 -13.80
CA HIS A 3 -2.41 -25.20 -14.24
C HIS A 3 -2.74 -24.37 -13.00
N PRO A 4 -2.85 -23.04 -13.15
CA PRO A 4 -3.18 -22.23 -11.98
C PRO A 4 -4.66 -22.36 -11.70
N PRO A 5 -5.05 -22.16 -10.45
CA PRO A 5 -6.44 -22.24 -10.01
C PRO A 5 -7.44 -21.69 -11.01
N TYR A 6 -7.36 -20.40 -11.29
CA TYR A 6 -8.28 -19.71 -12.19
C TYR A 6 -8.39 -20.24 -13.62
N CYS A 7 -7.41 -21.00 -14.08
CA CYS A 7 -7.50 -21.52 -15.45
C CYS A 7 -8.46 -22.68 -15.43
N ARG A 8 -9.12 -22.85 -14.29
CA ARG A 8 -10.10 -23.90 -14.09
C ARG A 8 -11.44 -23.44 -14.74
N ASN A 9 -11.33 -22.60 -15.79
CA ASN A 9 -12.51 -22.08 -16.52
C ASN A 9 -12.51 -22.27 -18.05
N GLN A 10 -13.68 -22.69 -18.53
CA GLN A 10 -13.99 -22.99 -19.93
C GLN A 10 -13.07 -22.52 -21.05
N PRO A 11 -12.85 -21.20 -21.18
CA PRO A 11 -11.95 -20.77 -22.27
C PRO A 11 -10.76 -21.71 -22.50
N GLY A 12 -10.67 -22.25 -23.71
CA GLY A 12 -9.58 -23.17 -24.05
C GLY A 12 -8.19 -22.68 -23.67
N LYS A 13 -7.96 -21.38 -23.80
CA LYS A 13 -6.66 -20.80 -23.46
C LYS A 13 -6.39 -20.90 -21.95
N CYS A 14 -5.68 -19.90 -21.45
CA CYS A 14 -5.34 -19.83 -20.06
C CYS A 14 -4.45 -18.61 -19.85
N GLN A 15 -5.10 -17.45 -19.70
CA GLN A 15 -4.41 -16.19 -19.46
C GLN A 15 -4.83 -15.72 -18.08
N ILE A 16 -4.00 -14.88 -17.47
CA ILE A 16 -4.32 -14.35 -16.17
C ILE A 16 -5.50 -13.43 -16.40
N PRO A 17 -6.54 -13.52 -15.57
CA PRO A 17 -7.72 -12.66 -15.73
C PRO A 17 -7.36 -11.17 -15.55
N LEU A 18 -8.14 -10.28 -16.17
CA LEU A 18 -7.87 -8.87 -16.06
C LEU A 18 -7.98 -8.40 -14.60
N GLN A 19 -8.90 -9.01 -13.85
CA GLN A 19 -9.07 -8.67 -12.44
C GLN A 19 -7.78 -8.91 -11.64
N SER A 20 -7.14 -10.06 -11.85
CA SER A 20 -5.91 -10.41 -11.13
C SER A 20 -4.79 -9.41 -11.49
N LEU A 21 -4.68 -9.05 -12.77
CA LEU A 21 -3.68 -8.08 -13.21
C LEU A 21 -3.82 -6.72 -12.53
N PHE A 22 -5.05 -6.22 -12.45
CA PHE A 22 -5.26 -4.95 -11.79
C PHE A 22 -5.01 -5.04 -10.30
N ASP A 23 -5.26 -6.21 -9.70
CA ASP A 23 -4.99 -6.38 -8.25
C ASP A 23 -3.51 -6.17 -7.99
N ARG A 24 -2.65 -6.89 -8.73
CA ARG A 24 -1.19 -6.81 -8.58
C ARG A 24 -0.64 -5.39 -8.80
N ALA A 25 -1.20 -4.69 -9.79
CA ALA A 25 -0.77 -3.33 -10.11
C ALA A 25 -1.11 -2.38 -8.99
N THR A 26 -2.30 -2.48 -8.44
CA THR A 26 -2.62 -1.56 -7.35
C THR A 26 -1.84 -1.89 -6.07
N THR A 27 -1.46 -3.15 -5.85
CA THR A 27 -0.74 -3.36 -4.59
C THR A 27 0.73 -2.97 -4.69
N VAL A 28 1.32 -3.08 -5.89
CA VAL A 28 2.70 -2.63 -6.09
C VAL A 28 2.66 -1.12 -5.94
N ALA A 29 1.73 -0.46 -6.63
CA ALA A 29 1.64 1.00 -6.52
C ALA A 29 1.42 1.47 -5.07
N ASN A 30 0.63 0.74 -4.30
CA ASN A 30 0.38 1.10 -2.88
C ASN A 30 1.74 1.06 -2.09
N TYR A 31 2.53 0.03 -2.33
CA TYR A 31 3.87 -0.19 -1.75
C TYR A 31 4.85 0.97 -2.08
N ASN A 32 4.95 1.35 -3.35
CA ASN A 32 5.83 2.46 -3.70
C ASN A 32 5.40 3.70 -3.01
N SER A 33 4.10 3.89 -2.87
CA SER A 33 3.61 5.09 -2.22
C SER A 33 4.01 5.10 -0.73
N LYS A 34 4.01 3.94 -0.08
CA LYS A 34 4.43 3.89 1.33
C LYS A 34 5.92 4.23 1.42
N LEU A 35 6.75 3.55 0.63
CA LEU A 35 8.19 3.82 0.61
C LEU A 35 8.49 5.29 0.39
N ALA A 36 7.83 5.91 -0.59
CA ALA A 36 8.08 7.32 -0.85
C ALA A 36 7.73 8.16 0.37
N GLY A 37 6.65 7.83 1.06
CA GLY A 37 6.28 8.60 2.25
C GLY A 37 7.35 8.43 3.36
N GLU A 38 7.89 7.25 3.47
CA GLU A 38 8.94 7.01 4.44
C GLU A 38 10.18 7.88 4.15
N MET A 39 10.60 7.95 2.88
CA MET A 39 11.78 8.77 2.55
C MET A 39 11.47 10.23 2.83
N VAL A 40 10.26 10.66 2.49
CA VAL A 40 9.92 12.05 2.75
C VAL A 40 10.05 12.41 4.21
N ASN A 41 9.61 11.50 5.08
CA ASN A 41 9.67 11.76 6.52
C ASN A 41 11.10 11.83 7.06
N ARG A 42 11.80 10.70 6.97
CA ARG A 42 13.17 10.57 7.42
C ARG A 42 14.04 11.76 7.00
N PHE A 43 13.79 12.30 5.81
CA PHE A 43 14.56 13.42 5.30
C PHE A 43 14.15 14.76 5.92
N ASP A 44 12.87 14.88 6.25
CA ASP A 44 12.41 16.13 6.84
C ASP A 44 12.81 16.22 8.31
N GLU A 45 13.04 15.07 8.93
CA GLU A 45 13.46 15.09 10.32
C GLU A 45 14.95 14.82 10.42
N GLN A 46 15.72 15.67 9.73
CA GLN A 46 17.18 15.60 9.70
C GLN A 46 17.75 16.79 8.94
N TYR A 47 17.06 17.20 7.88
CA TYR A 47 17.48 18.36 7.09
C TYR A 47 16.22 19.18 6.87
N VAL A 57 9.36 25.73 -2.30
CA VAL A 57 8.30 25.34 -3.22
C VAL A 57 8.73 24.43 -4.38
N ILE A 58 8.30 23.18 -4.28
CA ILE A 58 8.54 22.14 -5.25
C ILE A 58 8.20 22.62 -6.67
N ASN A 59 8.99 22.19 -7.65
CA ASN A 59 8.75 22.58 -9.05
C ASN A 59 9.11 21.36 -9.90
N CYS A 60 8.32 20.30 -9.71
CA CYS A 60 8.53 19.02 -10.34
C CYS A 60 8.63 19.05 -11.86
N HIS A 61 9.59 18.29 -12.38
CA HIS A 61 9.78 18.24 -13.82
C HIS A 61 8.59 17.59 -14.55
N THR A 62 7.76 16.80 -13.85
CA THR A 62 6.64 16.16 -14.51
C THR A 62 5.41 17.04 -14.58
N SER A 63 5.53 18.25 -14.07
CA SER A 63 4.41 19.16 -14.09
C SER A 63 3.93 19.51 -15.52
N SER A 64 4.80 19.30 -16.51
CA SER A 64 4.46 19.58 -17.90
C SER A 64 3.41 18.59 -18.44
N ILE A 65 3.36 17.39 -17.86
CA ILE A 65 2.36 16.38 -18.25
C ILE A 65 1.10 16.89 -17.52
N THR A 66 0.06 17.27 -18.25
CA THR A 66 -1.16 17.77 -17.58
C THR A 66 -2.06 16.62 -17.09
N THR A 67 -2.46 16.70 -15.82
CA THR A 67 -3.26 15.64 -15.21
C THR A 67 -4.58 16.13 -14.62
N PRO A 68 -5.57 15.23 -14.45
CA PRO A 68 -6.84 15.64 -13.86
C PRO A 68 -6.53 15.69 -12.37
N ASN A 69 -6.76 16.83 -11.72
CA ASN A 69 -6.46 16.99 -10.30
C ASN A 69 -7.65 17.09 -9.32
N SER A 70 -8.86 16.88 -9.83
CA SER A 70 -10.07 16.94 -8.99
C SER A 70 -10.80 15.67 -9.38
N LYS A 71 -11.71 15.22 -8.52
CA LYS A 71 -12.46 13.99 -8.74
C LYS A 71 -13.34 13.96 -10.02
N ALA A 72 -14.14 15.00 -10.19
CA ALA A 72 -15.03 15.19 -11.33
C ALA A 72 -14.29 14.86 -12.64
N GLU A 73 -13.18 15.56 -12.82
CA GLU A 73 -12.32 15.46 -13.99
C GLU A 73 -11.55 14.15 -14.15
N ALA A 74 -11.16 13.54 -13.03
CA ALA A 74 -10.43 12.30 -13.13
C ALA A 74 -11.37 11.20 -13.54
N ILE A 75 -12.54 11.20 -12.91
CA ILE A 75 -13.51 10.15 -13.21
C ILE A 75 -13.97 10.25 -14.68
N ASN A 76 -14.00 11.46 -15.24
CA ASN A 76 -14.39 11.69 -16.63
C ASN A 76 -13.34 11.36 -17.68
N THR A 77 -12.10 11.19 -17.26
CA THR A 77 -11.03 10.90 -18.21
C THR A 77 -11.14 9.54 -18.90
N GLU A 78 -11.07 9.59 -20.22
CA GLU A 78 -11.11 8.37 -21.03
C GLU A 78 -9.97 7.40 -20.60
N ASP A 79 -10.25 6.10 -20.60
CA ASP A 79 -9.27 5.10 -20.18
C ASP A 79 -7.96 5.13 -20.97
N LYS A 80 -8.03 5.49 -22.25
CA LYS A 80 -6.83 5.55 -23.06
C LYS A 80 -5.83 6.58 -22.52
N ILE A 81 -6.33 7.73 -22.12
CA ILE A 81 -5.50 8.79 -21.56
C ILE A 81 -4.98 8.49 -20.14
N LEU A 82 -5.76 7.80 -19.30
CA LEU A 82 -5.27 7.46 -17.95
C LEU A 82 -4.05 6.54 -18.05
N PHE A 83 -4.11 5.53 -18.90
CA PHE A 83 -3.00 4.62 -19.10
C PHE A 83 -1.74 5.40 -19.51
N LYS A 84 -1.88 6.26 -20.52
CA LYS A 84 -0.79 7.08 -21.04
C LYS A 84 -0.16 7.90 -19.91
N LEU A 85 -0.96 8.57 -19.10
CA LEU A 85 -0.45 9.36 -17.99
C LEU A 85 0.37 8.53 -16.93
N VAL A 86 -0.08 7.32 -16.62
CA VAL A 86 0.59 6.48 -15.64
C VAL A 86 1.93 5.98 -16.19
N ILE A 87 1.92 5.54 -17.45
CA ILE A 87 3.13 5.06 -18.10
C ILE A 87 4.20 6.15 -18.31
N SER A 88 3.83 7.37 -18.69
CA SER A 88 4.88 8.36 -18.83
C SER A 88 5.41 8.89 -17.46
N LEU A 89 4.54 8.98 -16.45
CA LEU A 89 4.98 9.40 -15.11
C LEU A 89 6.02 8.42 -14.54
N LEU A 90 5.77 7.13 -14.71
CA LEU A 90 6.69 6.09 -14.23
C LEU A 90 8.00 6.11 -15.03
N HIS A 91 7.91 6.30 -16.34
CA HIS A 91 9.11 6.33 -17.16
C HIS A 91 9.98 7.53 -16.76
N SER A 92 9.34 8.65 -16.46
CA SER A 92 10.03 9.87 -16.07
C SER A 92 10.86 9.84 -14.78
N TRP A 93 10.73 8.81 -13.96
CA TRP A 93 11.48 8.85 -12.72
C TRP A 93 12.72 7.96 -12.69
N ASP A 94 12.89 7.13 -13.71
CA ASP A 94 14.04 6.26 -13.74
C ASP A 94 15.42 6.97 -13.74
N GLU A 95 15.58 8.04 -14.52
CA GLU A 95 16.84 8.78 -14.55
C GLU A 95 17.12 9.55 -13.24
N PRO A 96 16.17 10.37 -12.78
CA PRO A 96 16.44 11.09 -11.53
C PRO A 96 16.81 10.15 -10.36
N LEU A 97 16.19 8.98 -10.29
CA LEU A 97 16.47 8.01 -9.22
C LEU A 97 17.85 7.44 -9.40
N HIS A 98 18.26 7.27 -10.65
CA HIS A 98 19.57 6.72 -10.99
C HIS A 98 20.64 7.69 -10.41
N HIS A 99 20.43 8.98 -10.66
CA HIS A 99 21.34 10.00 -10.19
C HIS A 99 21.37 10.12 -8.67
N ALA A 100 20.20 10.00 -8.03
CA ALA A 100 20.11 10.06 -6.57
C ALA A 100 20.87 8.92 -5.95
N VAL A 101 20.61 7.72 -6.42
CA VAL A 101 21.26 6.55 -5.87
C VAL A 101 22.80 6.61 -5.97
N THR A 102 23.31 7.22 -7.04
CA THR A 102 24.75 7.35 -7.27
C THR A 102 25.37 8.33 -6.27
N GLU A 103 24.60 9.33 -5.89
CA GLU A 103 25.05 10.33 -4.94
C GLU A 103 25.05 9.79 -3.51
N LEU A 104 23.96 9.13 -3.13
CA LEU A 104 23.78 8.55 -1.80
C LEU A 104 24.66 7.35 -1.57
N ALA A 105 25.31 6.86 -2.61
CA ALA A 105 26.17 5.71 -2.46
C ALA A 105 27.58 6.15 -2.07
N ASN A 106 27.96 7.34 -2.53
CA ASN A 106 29.29 7.90 -2.26
C ASN A 106 30.37 6.84 -2.46
N PRO A 112 22.73 5.79 4.72
CA PRO A 112 21.93 5.05 5.69
C PRO A 112 20.65 4.38 5.14
N ALA A 113 19.50 4.85 5.58
CA ALA A 113 18.22 4.28 5.14
C ALA A 113 17.76 4.80 3.78
N LEU A 114 17.96 6.08 3.52
CA LEU A 114 17.56 6.67 2.27
C LEU A 114 18.05 5.85 1.09
N LEU A 115 19.34 5.57 1.07
CA LEU A 115 19.92 4.80 -0.02
C LEU A 115 19.17 3.51 -0.30
N THR A 116 18.80 2.80 0.76
CA THR A 116 18.10 1.51 0.60
C THR A 116 16.67 1.64 0.04
N LYS A 117 15.91 2.62 0.47
CA LYS A 117 14.57 2.76 -0.06
C LYS A 117 14.60 3.31 -1.50
N ALA A 118 15.60 4.13 -1.82
CA ALA A 118 15.71 4.69 -3.16
C ALA A 118 15.96 3.58 -4.18
N GLN A 119 16.74 2.58 -3.78
CA GLN A 119 17.07 1.49 -4.69
C GLN A 119 15.88 0.58 -4.92
N GLU A 120 15.05 0.43 -3.88
CA GLU A 120 13.85 -0.39 -3.95
C GLU A 120 12.76 0.27 -4.79
N ILE A 121 12.50 1.55 -4.56
CA ILE A 121 11.47 2.21 -5.34
C ILE A 121 11.87 2.26 -6.81
N LYS A 122 13.16 2.43 -7.11
CA LYS A 122 13.58 2.46 -8.50
C LYS A 122 13.32 1.09 -9.14
N GLU A 123 13.58 0.00 -8.41
CA GLU A 123 13.35 -1.33 -8.95
C GLU A 123 11.86 -1.67 -9.10
N LYS A 124 11.05 -1.27 -8.15
CA LYS A 124 9.63 -1.56 -8.21
C LYS A 124 8.92 -0.68 -9.23
N ALA A 125 9.45 0.51 -9.50
CA ALA A 125 8.81 1.36 -10.50
C ALA A 125 8.96 0.68 -11.85
N LYS A 126 10.10 0.03 -12.09
CA LYS A 126 10.27 -0.68 -13.35
C LYS A 126 9.37 -1.93 -13.42
N VAL A 127 9.16 -2.61 -12.28
CA VAL A 127 8.29 -3.77 -12.25
C VAL A 127 6.87 -3.26 -12.55
N LEU A 128 6.47 -2.18 -11.93
CA LEU A 128 5.14 -1.65 -12.16
C LEU A 128 4.87 -1.17 -13.61
N VAL A 129 5.78 -0.44 -14.28
CA VAL A 129 5.49 -0.01 -15.66
C VAL A 129 5.28 -1.19 -16.59
N ASP A 130 5.99 -2.28 -16.34
CA ASP A 130 5.88 -3.50 -17.12
C ASP A 130 4.42 -4.04 -17.10
N GLY A 131 3.85 -4.08 -15.90
CA GLY A 131 2.49 -4.53 -15.73
C GLY A 131 1.55 -3.55 -16.40
N VAL A 132 1.75 -2.25 -16.20
CA VAL A 132 0.84 -1.31 -16.83
C VAL A 132 0.84 -1.38 -18.37
N GLU A 133 1.97 -1.75 -18.97
CA GLU A 133 2.01 -1.88 -20.43
C GLU A 133 1.24 -3.15 -20.88
N VAL A 134 1.36 -4.22 -20.09
CA VAL A 134 0.67 -5.48 -20.36
C VAL A 134 -0.86 -5.29 -20.30
N ILE A 135 -1.34 -4.57 -19.29
CA ILE A 135 -2.76 -4.33 -19.14
C ILE A 135 -3.23 -3.46 -20.31
N GLN A 136 -2.48 -2.39 -20.59
CA GLN A 136 -2.82 -1.49 -21.67
C GLN A 136 -2.87 -2.15 -23.06
N LYS A 137 -1.95 -3.06 -23.33
CA LYS A 137 -1.94 -3.70 -24.64
C LYS A 137 -3.05 -4.76 -24.76
N ARG A 138 -3.53 -5.21 -23.61
CA ARG A 138 -4.58 -6.21 -23.52
C ARG A 138 -5.94 -5.62 -23.84
N ILE A 139 -6.17 -4.39 -23.42
CA ILE A 139 -7.45 -3.75 -23.65
C ILE A 139 -7.45 -2.91 -24.92
N HIS A 140 -6.31 -2.35 -25.27
CA HIS A 140 -6.17 -1.52 -26.46
C HIS A 140 -4.97 -1.91 -27.29
N PRO A 141 -5.09 -2.99 -28.08
CA PRO A 141 -3.95 -3.42 -28.92
C PRO A 141 -3.45 -2.32 -29.84
N GLY A 142 -2.12 -2.21 -29.93
CA GLY A 142 -1.53 -1.22 -30.82
C GLY A 142 -1.55 0.23 -30.39
N GLU A 143 -1.51 0.47 -29.08
CA GLU A 143 -1.43 1.84 -28.58
C GLU A 143 0.06 2.09 -28.56
N LYS A 144 0.48 3.34 -28.68
CA LYS A 144 1.91 3.64 -28.61
C LYS A 144 2.12 4.74 -27.58
N ASN A 145 3.20 4.62 -26.82
CA ASN A 145 3.46 5.61 -25.79
C ASN A 145 4.44 6.69 -26.25
N GLU A 146 4.10 7.94 -25.97
CA GLU A 146 4.92 9.07 -26.39
C GLU A 146 6.07 9.47 -25.45
N PRO A 147 6.93 10.38 -25.92
CA PRO A 147 8.06 10.83 -25.11
C PRO A 147 7.60 11.48 -23.80
N TYR A 148 8.41 11.32 -22.76
CA TYR A 148 8.11 11.86 -21.45
C TYR A 148 9.23 12.80 -21.03
N PRO A 149 8.93 13.76 -20.15
CA PRO A 149 9.84 14.80 -19.62
C PRO A 149 11.11 14.40 -18.89
N VAL A 150 12.01 15.37 -18.82
CA VAL A 150 13.31 15.17 -18.20
C VAL A 150 13.61 16.27 -17.19
N TRP A 151 14.36 15.93 -16.13
CA TRP A 151 14.77 16.93 -15.13
C TRP A 151 16.21 17.30 -15.48
N SER A 152 16.39 18.41 -16.20
CA SER A 152 17.74 18.80 -16.60
C SER A 152 18.63 19.25 -15.44
N GLU A 153 18.02 19.87 -14.43
CA GLU A 153 18.76 20.34 -13.26
C GLU A 153 19.14 19.22 -12.31
N GLN A 154 18.97 17.98 -12.73
CA GLN A 154 19.33 16.86 -11.87
C GLN A 154 20.84 16.75 -11.47
N SER A 155 21.70 17.55 -12.11
CA SER A 155 23.11 17.53 -11.76
C SER A 155 23.30 18.11 -10.34
N SER A 156 22.37 18.98 -9.93
CA SER A 156 22.44 19.61 -8.60
C SER A 156 22.47 18.65 -7.44
N LEU A 157 22.08 17.39 -7.66
CA LEU A 157 22.11 16.43 -6.57
C LEU A 157 23.54 16.12 -6.14
N THR A 158 24.53 16.44 -6.97
CA THR A 158 25.94 16.17 -6.64
C THR A 158 26.78 17.42 -6.43
N SER A 159 26.14 18.58 -6.51
CA SER A 159 26.83 19.85 -6.30
C SER A 159 27.71 19.80 -5.05
N GLN A 160 28.83 20.50 -5.12
CA GLN A 160 29.79 20.58 -4.03
C GLN A 160 29.23 21.50 -2.94
N ASP A 161 28.36 22.42 -3.35
CA ASP A 161 27.71 23.35 -2.43
C ASP A 161 26.65 22.62 -1.58
N GLU A 162 26.88 22.55 -0.27
CA GLU A 162 25.96 21.85 0.62
C GLU A 162 24.50 22.29 0.55
N ASN A 163 24.25 23.59 0.53
CA ASN A 163 22.85 24.02 0.49
C ASN A 163 22.11 23.65 -0.79
N VAL A 164 22.66 23.98 -1.95
CA VAL A 164 22.03 23.66 -3.23
C VAL A 164 21.74 22.15 -3.38
N ARG A 165 22.53 21.35 -2.69
CA ARG A 165 22.42 19.91 -2.71
C ARG A 165 21.23 19.48 -1.88
N ARG A 166 21.09 20.08 -0.69
CA ARG A 166 19.97 19.75 0.20
C ARG A 166 18.64 20.08 -0.43
N VAL A 167 18.56 21.20 -1.14
CA VAL A 167 17.32 21.58 -1.79
C VAL A 167 17.02 20.63 -2.96
N ALA A 168 18.05 20.07 -3.56
CA ALA A 168 17.86 19.16 -4.68
C ALA A 168 17.13 17.93 -4.20
N PHE A 169 17.56 17.38 -3.08
CA PHE A 169 16.95 16.18 -2.52
C PHE A 169 15.55 16.47 -1.98
N TYR A 170 15.34 17.67 -1.48
CA TYR A 170 14.03 18.06 -0.97
C TYR A 170 13.00 17.96 -2.14
N ARG A 171 13.32 18.63 -3.24
CA ARG A 171 12.49 18.62 -4.43
C ARG A 171 12.31 17.20 -4.90
N LEU A 172 13.36 16.40 -4.82
CA LEU A 172 13.29 15.05 -5.27
C LEU A 172 12.31 14.13 -4.52
N PHE A 173 12.41 14.08 -3.18
CA PHE A 173 11.54 13.21 -2.38
C PHE A 173 10.08 13.66 -2.33
N HIS A 174 9.84 14.96 -2.28
CA HIS A 174 8.47 15.45 -2.26
C HIS A 174 7.76 15.23 -3.63
N CYS A 175 8.51 15.35 -4.73
CA CYS A 175 7.91 15.16 -6.04
C CYS A 175 7.68 13.68 -6.25
N LEU A 176 8.61 12.90 -5.74
CA LEU A 176 8.51 11.46 -5.82
C LEU A 176 7.25 10.98 -5.05
N HIS A 177 6.95 11.65 -3.95
CA HIS A 177 5.81 11.31 -3.11
C HIS A 177 4.50 11.68 -3.83
N ARG A 178 4.43 12.88 -4.40
CA ARG A 178 3.27 13.33 -5.16
C ARG A 178 2.96 12.42 -6.38
N ASP A 179 3.97 12.05 -7.15
CA ASP A 179 3.73 11.22 -8.31
C ASP A 179 3.38 9.77 -7.95
N SER A 180 3.87 9.27 -6.83
CA SER A 180 3.52 7.91 -6.41
C SER A 180 2.03 7.87 -6.13
N SER A 181 1.57 8.91 -5.47
CA SER A 181 0.19 9.11 -5.13
C SER A 181 -0.75 9.23 -6.37
N LYS A 182 -0.32 9.93 -7.44
CA LYS A 182 -1.16 10.06 -8.66
C LYS A 182 -1.27 8.76 -9.39
N ILE A 183 -0.14 8.04 -9.43
CA ILE A 183 -0.06 6.77 -10.12
C ILE A 183 -1.00 5.76 -9.50
N TYR A 184 -1.05 5.79 -8.18
CA TYR A 184 -1.86 4.87 -7.41
C TYR A 184 -3.38 5.24 -7.53
N THR A 185 -3.72 6.52 -7.46
CA THR A 185 -5.11 6.95 -7.60
C THR A 185 -5.64 6.60 -9.04
N TYR A 186 -4.85 6.94 -10.07
CA TYR A 186 -5.25 6.63 -11.45
C TYR A 186 -5.43 5.13 -11.67
N LEU A 187 -4.56 4.29 -11.09
CA LEU A 187 -4.73 2.84 -11.23
C LEU A 187 -5.99 2.32 -10.51
N ARG A 188 -6.33 2.91 -9.35
CA ARG A 188 -7.54 2.54 -8.62
C ARG A 188 -8.80 2.92 -9.44
N ILE A 189 -8.79 4.11 -10.07
CA ILE A 189 -9.93 4.56 -10.92
C ILE A 189 -10.17 3.57 -12.08
N LEU A 190 -9.09 3.22 -12.80
CA LEU A 190 -9.18 2.29 -13.91
C LEU A 190 -9.65 0.91 -13.44
N LYS A 191 -9.14 0.46 -12.30
CA LYS A 191 -9.54 -0.84 -11.78
C LYS A 191 -11.05 -0.81 -11.47
N CYS A 192 -11.51 0.21 -10.75
CA CYS A 192 -12.94 0.25 -10.42
C CYS A 192 -13.83 0.33 -11.67
N ARG A 193 -13.35 1.01 -12.71
CA ARG A 193 -14.12 1.14 -13.93
C ARG A 193 -14.09 -0.06 -14.90
N LEU A 194 -12.93 -0.65 -15.10
CA LEU A 194 -12.82 -1.77 -16.02
C LEU A 194 -13.08 -3.12 -15.42
N THR A 195 -13.07 -3.25 -14.09
CA THR A 195 -13.38 -4.54 -13.49
C THR A 195 -14.17 -4.39 -12.21
N SER A 196 -13.60 -4.85 -11.10
CA SER A 196 -14.28 -4.80 -9.81
C SER A 196 -13.51 -4.08 -8.71
N CYS A 197 -14.21 -3.14 -8.07
CA CYS A 197 -13.69 -2.32 -6.97
C CYS A 197 -13.90 -3.15 -5.68
N GLY B 5 4.90 39.10 10.97
CA GLY B 5 3.55 39.60 11.40
C GLY B 5 2.99 38.72 12.50
N LYS B 6 1.98 39.22 13.21
CA LYS B 6 1.38 38.51 14.35
C LYS B 6 0.34 37.42 14.13
N PRO B 7 -0.82 37.74 13.50
CA PRO B 7 -1.85 36.71 13.27
C PRO B 7 -1.22 35.38 12.81
N GLU B 8 -1.75 34.26 13.29
CA GLU B 8 -1.20 32.93 12.97
C GLU B 8 -2.18 31.98 12.23
N ILE B 9 -1.64 31.13 11.38
CA ILE B 9 -2.43 30.19 10.62
C ILE B 9 -1.57 28.97 10.41
N HIS B 10 -1.96 27.82 11.00
CA HIS B 10 -1.16 26.58 10.87
C HIS B 10 -1.96 25.35 10.50
N LYS B 11 -3.25 25.38 10.75
CA LYS B 11 -4.08 24.20 10.50
C LYS B 11 -5.18 24.21 9.41
N CYS B 12 -5.14 23.22 8.54
CA CYS B 12 -6.16 23.07 7.51
C CYS B 12 -6.51 21.59 7.51
N ARG B 13 -7.78 21.26 7.28
CA ARG B 13 -8.18 19.85 7.20
C ARG B 13 -9.22 19.61 6.07
N SER B 14 -9.20 18.42 5.49
CA SER B 14 -10.19 18.07 4.45
C SER B 14 -10.92 16.77 4.88
N PRO B 15 -12.27 16.76 4.90
CA PRO B 15 -12.96 15.54 5.31
C PRO B 15 -13.14 14.54 4.19
N ASP B 16 -13.03 14.97 2.94
CA ASP B 16 -13.29 14.07 1.82
C ASP B 16 -12.31 14.04 0.65
N LYS B 17 -11.34 14.93 0.67
CA LYS B 17 -10.36 15.01 -0.39
C LYS B 17 -11.04 15.60 -1.65
N GLU B 18 -11.98 16.51 -1.39
CA GLU B 18 -12.75 17.19 -2.44
C GLU B 18 -12.94 18.63 -2.04
N THR B 19 -12.89 18.90 -0.74
CA THR B 19 -13.03 20.25 -0.22
C THR B 19 -12.11 20.39 1.01
N PHE B 20 -11.92 21.61 1.50
CA PHE B 20 -11.09 21.78 2.70
C PHE B 20 -11.35 23.10 3.37
N THR B 21 -10.88 23.20 4.61
CA THR B 21 -11.04 24.37 5.46
C THR B 21 -9.74 24.71 6.21
N CYS B 22 -9.49 26.00 6.45
CA CYS B 22 -8.34 26.45 7.23
C CYS B 22 -8.86 27.39 8.32
N TRP B 23 -8.09 27.50 9.39
CA TRP B 23 -8.44 28.34 10.50
C TRP B 23 -7.29 29.26 10.86
N TRP B 24 -7.59 30.45 11.36
CA TRP B 24 -6.52 31.33 11.78
C TRP B 24 -6.78 31.79 13.21
N ASN B 25 -5.72 32.21 13.89
CA ASN B 25 -5.79 32.71 15.27
C ASN B 25 -5.30 34.15 15.33
N PRO B 26 -6.16 35.07 15.72
CA PRO B 26 -5.75 36.48 15.82
C PRO B 26 -4.60 36.65 16.84
N GLY B 27 -3.80 37.70 16.64
CA GLY B 27 -2.68 38.00 17.53
C GLY B 27 -2.85 39.37 18.17
N THR B 28 -1.73 40.05 18.40
CA THR B 28 -1.75 41.41 18.97
C THR B 28 -2.65 42.36 18.15
N ASP B 29 -3.59 43.05 18.81
CA ASP B 29 -4.45 43.98 18.09
C ASP B 29 -4.64 45.31 18.85
N GLY B 30 -4.17 45.35 20.09
CA GLY B 30 -4.26 46.57 20.87
C GLY B 30 -5.63 47.03 21.33
N GLY B 31 -6.62 46.14 21.31
CA GLY B 31 -7.94 46.53 21.77
C GLY B 31 -8.88 47.14 20.75
N LEU B 32 -8.34 47.54 19.60
CA LEU B 32 -9.15 48.14 18.55
C LEU B 32 -9.71 47.03 17.66
N PRO B 33 -10.90 47.23 17.05
CA PRO B 33 -11.48 46.21 16.17
C PRO B 33 -10.61 46.09 14.91
N THR B 34 -10.43 44.86 14.45
CA THR B 34 -9.58 44.58 13.32
C THR B 34 -10.29 43.78 12.22
N ASN B 35 -10.15 44.15 10.96
CA ASN B 35 -10.78 43.32 9.95
C ASN B 35 -9.74 42.42 9.29
N TYR B 36 -10.06 41.14 9.18
CA TYR B 36 -9.16 40.16 8.59
C TYR B 36 -9.58 39.72 7.20
N SER B 37 -8.60 39.34 6.40
CA SER B 37 -8.83 38.88 5.05
C SER B 37 -7.83 37.81 4.73
N LEU B 38 -8.27 36.77 4.05
CA LEU B 38 -7.38 35.68 3.66
C LEU B 38 -7.19 35.74 2.16
N THR B 39 -5.95 35.58 1.71
CA THR B 39 -5.67 35.60 0.29
C THR B 39 -4.73 34.46 0.05
N TYR B 40 -4.78 33.89 -1.15
CA TYR B 40 -3.96 32.75 -1.41
C TYR B 40 -3.50 32.65 -2.85
N SER B 41 -2.44 31.88 -3.00
CA SER B 41 -1.82 31.65 -4.25
C SER B 41 -1.77 30.14 -4.47
N LYS B 42 -1.93 29.73 -5.71
CA LYS B 42 -1.92 28.32 -6.04
C LYS B 42 -0.81 27.97 -7.03
N GLU B 43 -0.14 26.86 -6.79
CA GLU B 43 0.97 26.42 -7.63
C GLU B 43 0.50 26.27 -9.10
N GLY B 44 1.29 26.83 -10.02
CA GLY B 44 0.94 26.75 -11.43
C GLY B 44 0.22 27.97 -11.98
N GLU B 45 -0.44 28.74 -11.10
CA GLU B 45 -1.16 29.96 -11.49
C GLU B 45 -0.57 31.15 -10.74
N LYS B 46 0.09 32.05 -11.45
CA LYS B 46 0.68 33.20 -10.81
C LYS B 46 -0.39 34.19 -10.38
N THR B 47 -1.38 33.75 -9.60
CA THR B 47 -2.43 34.66 -9.18
C THR B 47 -2.82 34.62 -7.72
N THR B 48 -3.13 35.80 -7.19
CA THR B 48 -3.58 35.90 -5.83
C THR B 48 -5.10 36.01 -5.84
N TYR B 49 -5.78 35.21 -5.02
CA TYR B 49 -7.24 35.31 -4.95
C TYR B 49 -7.60 35.61 -3.51
N GLU B 50 -8.86 35.95 -3.30
CA GLU B 50 -9.37 36.23 -1.96
C GLU B 50 -10.11 34.96 -1.53
N CYS B 51 -10.22 34.74 -0.22
CA CYS B 51 -10.93 33.59 0.32
C CYS B 51 -12.29 33.58 -0.36
N PRO B 52 -12.74 32.41 -0.84
CA PRO B 52 -14.05 32.31 -1.50
C PRO B 52 -15.30 32.17 -0.62
N ASP B 53 -15.15 31.98 0.70
CA ASP B 53 -16.32 31.79 1.58
C ASP B 53 -15.87 31.84 3.04
N TYR B 54 -16.28 32.88 3.77
CA TYR B 54 -15.92 33.04 5.17
C TYR B 54 -17.01 32.59 6.13
N LYS B 55 -18.14 32.18 5.59
CA LYS B 55 -19.28 31.78 6.41
C LYS B 55 -19.45 30.31 6.78
N THR B 56 -19.48 29.45 5.77
CA THR B 56 -19.67 28.02 5.97
C THR B 56 -18.96 27.32 7.13
N SER B 57 -17.64 27.46 7.25
CA SER B 57 -16.94 26.79 8.31
C SER B 57 -16.81 27.57 9.61
N GLY B 58 -17.62 28.61 9.76
CA GLY B 58 -17.58 29.37 10.99
C GLY B 58 -16.53 30.46 11.11
N PRO B 59 -16.51 31.15 12.26
CA PRO B 59 -15.62 32.26 12.63
C PRO B 59 -14.13 31.98 12.43
N ASN B 60 -13.44 32.99 11.92
CA ASN B 60 -12.00 32.91 11.66
C ASN B 60 -11.62 31.66 10.85
N SER B 61 -12.41 31.37 9.81
CA SER B 61 -12.18 30.22 8.93
C SER B 61 -12.39 30.58 7.45
N CYS B 62 -11.98 29.69 6.57
CA CYS B 62 -12.19 29.92 5.16
C CYS B 62 -12.53 28.56 4.57
N PHE B 63 -13.63 28.46 3.83
CA PHE B 63 -14.02 27.17 3.23
C PHE B 63 -13.82 27.16 1.71
N PHE B 64 -13.15 26.11 1.22
CA PHE B 64 -12.89 25.95 -0.22
C PHE B 64 -13.79 24.81 -0.80
N SER B 65 -14.83 25.16 -1.54
CA SER B 65 -15.70 24.14 -2.14
C SER B 65 -14.97 23.36 -3.24
N LYS B 66 -15.69 22.45 -3.90
CA LYS B 66 -15.15 21.64 -4.99
C LYS B 66 -14.69 22.45 -6.20
N GLN B 67 -15.27 23.62 -6.42
CA GLN B 67 -14.86 24.45 -7.55
C GLN B 67 -13.47 25.06 -7.30
N TYR B 68 -13.14 25.25 -6.03
CA TYR B 68 -11.86 25.84 -5.63
C TYR B 68 -10.79 24.88 -5.10
N THR B 69 -11.11 23.59 -5.04
CA THR B 69 -10.21 22.60 -4.51
C THR B 69 -9.56 21.68 -5.52
N SER B 70 -8.23 21.68 -5.57
CA SER B 70 -7.53 20.75 -6.45
C SER B 70 -6.40 20.09 -5.63
N ILE B 71 -6.15 18.81 -5.79
CA ILE B 71 -5.08 18.23 -5.03
C ILE B 71 -3.79 18.06 -5.87
N TRP B 72 -2.72 17.68 -5.21
CA TRP B 72 -1.42 17.53 -5.86
C TRP B 72 -0.88 18.95 -6.26
N LYS B 73 -1.29 19.96 -5.47
CA LYS B 73 -0.91 21.38 -5.62
C LYS B 73 -0.70 22.06 -4.26
N ILE B 74 0.36 22.86 -4.16
CA ILE B 74 0.65 23.59 -2.96
C ILE B 74 -0.10 24.91 -3.05
N TYR B 75 -0.81 25.26 -1.97
CA TYR B 75 -1.49 26.52 -1.86
C TYR B 75 -0.59 27.33 -0.91
N ILE B 76 -0.44 28.63 -1.15
CA ILE B 76 0.32 29.49 -0.26
C ILE B 76 -0.74 30.42 0.31
N ILE B 77 -0.90 30.33 1.62
CA ILE B 77 -1.95 31.07 2.27
C ILE B 77 -1.47 32.07 3.30
N THR B 78 -1.99 33.29 3.24
CA THR B 78 -1.63 34.25 4.29
C THR B 78 -2.84 35.03 4.83
N VAL B 79 -2.77 35.36 6.11
CA VAL B 79 -3.84 36.11 6.76
C VAL B 79 -3.40 37.51 7.10
N ASN B 80 -4.24 38.47 6.71
CA ASN B 80 -3.95 39.88 6.91
C ASN B 80 -4.89 40.51 7.95
N ALA B 81 -4.32 41.39 8.78
CA ALA B 81 -5.10 42.05 9.85
C ALA B 81 -4.89 43.57 9.79
N THR B 82 -5.97 44.33 9.74
CA THR B 82 -5.86 45.80 9.68
C THR B 82 -6.72 46.54 10.70
N ASN B 83 -6.09 47.49 11.43
CA ASN B 83 -6.78 48.36 12.41
C ASN B 83 -6.25 49.80 12.22
N GLN B 84 -6.96 50.80 12.74
CA GLN B 84 -6.56 52.19 12.56
C GLN B 84 -5.17 52.55 13.08
N MET B 85 -4.44 51.56 13.59
CA MET B 85 -3.10 51.84 14.11
C MET B 85 -2.05 51.01 13.40
N GLY B 86 -2.47 50.17 12.46
CA GLY B 86 -1.49 49.38 11.75
C GLY B 86 -1.99 48.16 11.02
N SER B 87 -1.04 47.49 10.34
CA SER B 87 -1.31 46.29 9.59
C SER B 87 -0.23 45.27 9.81
N SER B 88 -0.65 44.01 9.87
CA SER B 88 0.26 42.91 10.12
C SER B 88 -0.17 41.66 9.35
N SER B 89 0.79 40.98 8.74
CA SER B 89 0.48 39.77 8.00
C SER B 89 1.19 38.59 8.65
N SER B 90 0.55 37.44 8.59
CA SER B 90 1.07 36.20 9.15
C SER B 90 2.22 35.69 8.28
N ASP B 91 2.93 34.68 8.77
CA ASP B 91 3.95 34.06 7.94
C ASP B 91 3.12 33.22 6.92
N PRO B 92 3.68 32.94 5.75
CA PRO B 92 2.94 32.15 4.76
C PRO B 92 2.79 30.68 5.17
N LEU B 93 1.59 30.12 4.98
CA LEU B 93 1.39 28.70 5.30
C LEU B 93 1.39 27.88 3.98
N TYR B 94 2.27 26.89 3.88
CA TYR B 94 2.33 26.07 2.70
C TYR B 94 1.50 24.82 2.96
N VAL B 95 0.55 24.54 2.07
CA VAL B 95 -0.33 23.40 2.25
C VAL B 95 -0.69 22.64 1.00
N ASP B 96 -0.48 21.34 1.04
CA ASP B 96 -0.86 20.46 -0.06
C ASP B 96 -2.09 19.63 0.48
N VAL B 97 -3.28 19.89 -0.08
CA VAL B 97 -4.50 19.23 0.37
C VAL B 97 -4.44 17.72 0.35
N THR B 98 -3.53 17.18 -0.43
CA THR B 98 -3.35 15.74 -0.54
C THR B 98 -3.03 15.07 0.79
N TYR B 99 -2.45 15.83 1.74
CA TYR B 99 -2.02 15.26 3.01
C TYR B 99 -2.69 15.77 4.27
N ILE B 100 -3.86 16.40 4.13
CA ILE B 100 -4.60 16.92 5.26
C ILE B 100 -6.00 16.30 5.44
N VAL B 101 -6.20 15.14 4.83
CA VAL B 101 -7.48 14.43 4.94
C VAL B 101 -7.68 13.73 6.31
N GLU B 102 -8.72 14.15 7.02
CA GLU B 102 -9.06 13.58 8.33
C GLU B 102 -10.52 13.17 8.26
N PRO B 103 -10.76 11.89 8.01
CA PRO B 103 -12.16 11.46 7.91
C PRO B 103 -12.99 11.32 9.18
N GLU B 104 -14.27 11.04 8.94
CA GLU B 104 -15.28 10.79 9.94
C GLU B 104 -15.18 9.29 10.19
N PRO B 105 -15.81 8.78 11.27
CA PRO B 105 -15.78 7.35 11.63
C PRO B 105 -16.56 6.44 10.69
N PRO B 106 -16.18 5.15 10.65
CA PRO B 106 -16.82 4.15 9.81
C PRO B 106 -18.24 4.05 10.33
N ARG B 107 -19.15 3.43 9.58
CA ARG B 107 -20.53 3.35 10.07
C ARG B 107 -21.17 1.98 9.78
N ASN B 108 -22.35 1.76 10.35
CA ASN B 108 -23.10 0.51 10.19
C ASN B 108 -22.33 -0.71 10.67
N LEU B 109 -21.89 -0.71 11.93
CA LEU B 109 -21.12 -1.83 12.47
C LEU B 109 -22.06 -2.98 12.85
N THR B 110 -21.76 -4.19 12.38
CA THR B 110 -22.60 -5.36 12.64
C THR B 110 -21.79 -6.63 13.01
N LEU B 111 -22.19 -7.30 14.08
CA LEU B 111 -21.52 -8.53 14.56
C LEU B 111 -22.34 -9.83 14.39
N GLU B 112 -21.77 -10.82 13.72
CA GLU B 112 -22.45 -12.10 13.51
C GLU B 112 -21.56 -13.23 14.03
N VAL B 113 -22.16 -14.32 14.54
CA VAL B 113 -21.36 -15.44 15.04
C VAL B 113 -21.17 -16.55 14.01
N LYS B 114 -19.91 -16.95 13.86
CA LYS B 114 -19.46 -17.97 12.90
C LYS B 114 -20.01 -17.69 11.50
N LYS B 119 -19.47 -25.84 14.04
CA LYS B 119 -18.24 -26.45 14.56
C LYS B 119 -17.44 -25.42 15.37
N LYS B 120 -16.22 -25.11 14.97
CA LYS B 120 -15.43 -24.12 15.69
C LYS B 120 -16.05 -22.75 15.51
N THR B 121 -15.97 -21.92 16.55
CA THR B 121 -16.58 -20.61 16.53
C THR B 121 -15.60 -19.44 16.33
N TYR B 122 -16.09 -18.37 15.70
CA TYR B 122 -15.29 -17.17 15.45
C TYR B 122 -16.20 -15.98 15.22
N LEU B 123 -15.71 -14.78 15.52
CA LEU B 123 -16.51 -13.56 15.35
C LEU B 123 -16.24 -12.85 13.99
N TRP B 124 -17.33 -12.54 13.27
CA TRP B 124 -17.23 -11.86 11.95
C TRP B 124 -17.77 -10.46 12.01
N VAL B 125 -16.86 -9.48 12.06
CA VAL B 125 -17.25 -8.07 12.12
C VAL B 125 -17.33 -7.52 10.68
N LYS B 126 -18.27 -6.62 10.44
CA LYS B 126 -18.49 -5.97 9.13
C LYS B 126 -18.88 -4.51 9.30
N TRP B 127 -18.43 -3.65 8.38
CA TRP B 127 -18.75 -2.23 8.44
C TRP B 127 -18.57 -1.52 7.08
N SER B 128 -18.90 -0.24 7.01
CA SER B 128 -18.75 0.52 5.76
C SER B 128 -18.16 1.93 5.99
N PRO B 129 -17.46 2.47 4.98
CA PRO B 129 -16.86 3.80 5.10
C PRO B 129 -17.89 4.88 5.19
N PRO B 130 -17.50 6.07 5.68
CA PRO B 130 -18.41 7.22 5.81
C PRO B 130 -19.02 7.49 4.43
N THR B 131 -20.23 8.02 4.35
CA THR B 131 -20.83 8.26 3.02
C THR B 131 -20.04 9.26 2.19
N ILE B 132 -19.61 10.35 2.83
CA ILE B 132 -18.83 11.41 2.20
C ILE B 132 -17.60 10.93 1.42
N THR B 133 -17.02 9.80 1.82
CA THR B 133 -15.82 9.36 1.13
C THR B 133 -16.08 8.37 -0.01
N ASP B 134 -15.75 8.81 -1.23
CA ASP B 134 -15.96 8.05 -2.47
C ASP B 134 -14.97 6.92 -2.76
N VAL B 135 -15.13 5.83 -2.03
CA VAL B 135 -14.31 4.64 -2.22
C VAL B 135 -14.80 3.82 -3.41
N LYS B 136 -16.10 3.89 -3.72
CA LYS B 136 -16.67 3.10 -4.84
C LYS B 136 -16.03 3.37 -6.20
N THR B 137 -15.65 4.61 -6.48
CA THR B 137 -14.98 4.96 -7.75
C THR B 137 -13.45 4.79 -7.69
N GLY B 138 -12.90 4.63 -6.50
CA GLY B 138 -11.45 4.47 -6.41
C GLY B 138 -10.72 5.79 -6.19
N TRP B 139 -11.46 6.89 -6.06
CA TRP B 139 -10.82 8.19 -5.83
C TRP B 139 -10.20 8.25 -4.43
N PHE B 140 -10.92 7.71 -3.45
CA PHE B 140 -10.50 7.68 -2.04
C PHE B 140 -10.13 6.23 -1.74
N THR B 141 -9.07 6.06 -0.96
CA THR B 141 -8.62 4.73 -0.53
C THR B 141 -8.52 4.81 1.02
N MET B 142 -9.16 3.85 1.70
CA MET B 142 -9.18 3.81 3.17
C MET B 142 -8.56 2.58 3.83
N GLU B 143 -8.01 2.81 5.02
CA GLU B 143 -7.40 1.78 5.88
C GLU B 143 -8.23 1.73 7.17
N TYR B 144 -8.35 0.53 7.78
CA TYR B 144 -9.15 0.37 9.00
C TYR B 144 -8.47 -0.40 10.16
N GLU B 145 -8.90 -0.07 11.38
CA GLU B 145 -8.46 -0.75 12.61
C GLU B 145 -9.72 -1.11 13.41
N ILE B 146 -9.73 -2.28 14.05
CA ILE B 146 -10.86 -2.63 14.94
C ILE B 146 -10.30 -2.94 16.34
N ARG B 147 -11.04 -2.59 17.37
CA ARG B 147 -10.62 -2.91 18.73
C ARG B 147 -11.76 -3.58 19.52
N LEU B 148 -11.47 -4.65 20.25
CA LEU B 148 -12.54 -5.30 21.04
C LEU B 148 -12.09 -5.77 22.41
N LYS B 149 -13.07 -6.02 23.28
CA LYS B 149 -12.82 -6.49 24.64
C LYS B 149 -14.10 -6.84 25.40
N PRO B 150 -13.99 -7.72 26.42
CA PRO B 150 -15.17 -8.10 27.19
C PRO B 150 -15.55 -6.93 28.08
N GLU B 151 -16.85 -6.73 28.32
CA GLU B 151 -17.35 -5.62 29.15
C GLU B 151 -16.59 -5.61 30.47
N GLU B 152 -16.46 -6.78 31.06
CA GLU B 152 -15.75 -6.94 32.33
C GLU B 152 -14.25 -7.09 32.02
N ALA B 153 -13.63 -5.98 31.62
CA ALA B 153 -12.20 -5.97 31.29
C ALA B 153 -11.62 -4.57 31.33
N GLU B 154 -10.29 -4.50 31.35
CA GLU B 154 -9.65 -3.19 31.41
C GLU B 154 -8.72 -2.90 30.23
N GLU B 155 -8.49 -3.88 29.37
CA GLU B 155 -7.60 -3.65 28.25
C GLU B 155 -8.21 -4.04 26.91
N TRP B 156 -8.05 -3.18 25.90
CA TRP B 156 -8.55 -3.48 24.56
C TRP B 156 -7.50 -4.21 23.74
N GLU B 157 -7.96 -4.97 22.75
CA GLU B 157 -7.08 -5.69 21.83
C GLU B 157 -7.32 -5.08 20.42
N ILE B 158 -6.23 -4.60 19.79
CA ILE B 158 -6.30 -3.96 18.47
C ILE B 158 -5.87 -4.85 17.35
N HIS B 159 -6.57 -4.75 16.22
CA HIS B 159 -6.25 -5.53 15.02
C HIS B 159 -6.30 -4.61 13.78
N PHE B 160 -5.22 -4.55 13.01
CA PHE B 160 -5.22 -3.73 11.80
C PHE B 160 -5.72 -4.57 10.64
N THR B 161 -6.77 -4.13 9.94
CA THR B 161 -7.37 -4.92 8.84
C THR B 161 -7.06 -4.46 7.38
N GLY B 162 -6.14 -3.51 7.23
CA GLY B 162 -5.83 -3.03 5.90
C GLY B 162 -7.02 -2.34 5.24
N HIS B 163 -7.27 -2.69 3.98
CA HIS B 163 -8.34 -2.14 3.13
C HIS B 163 -9.70 -2.84 3.24
N GLN B 164 -9.75 -3.98 3.93
CA GLN B 164 -10.97 -4.79 4.13
C GLN B 164 -12.02 -4.14 5.04
N THR B 165 -13.31 -4.31 4.73
CA THR B 165 -14.38 -3.75 5.56
C THR B 165 -15.08 -4.83 6.39
N GLN B 166 -14.40 -5.97 6.57
CA GLN B 166 -14.87 -7.07 7.40
C GLN B 166 -13.63 -7.79 7.99
N PHE B 167 -13.80 -8.46 9.12
CA PHE B 167 -12.68 -9.16 9.78
C PHE B 167 -13.19 -10.37 10.59
N LYS B 168 -12.38 -11.42 10.62
CA LYS B 168 -12.75 -12.63 11.37
C LYS B 168 -11.84 -12.75 12.58
N VAL B 169 -12.41 -12.66 13.78
CA VAL B 169 -11.63 -12.78 15.02
C VAL B 169 -11.74 -14.21 15.56
N PHE B 170 -10.58 -14.80 15.85
CA PHE B 170 -10.50 -16.21 16.29
C PHE B 170 -10.18 -16.58 17.73
N ASP B 171 -9.78 -15.62 18.55
CA ASP B 171 -9.40 -15.97 19.92
C ASP B 171 -10.30 -15.37 21.02
N LEU B 172 -11.60 -15.34 20.78
CA LEU B 172 -12.50 -14.80 21.79
C LEU B 172 -12.88 -15.88 22.80
N TYR B 173 -12.88 -15.50 24.08
CA TYR B 173 -13.19 -16.38 25.21
C TYR B 173 -14.71 -16.62 25.33
N PRO B 174 -15.15 -17.89 25.24
CA PRO B 174 -16.56 -18.25 25.34
C PRO B 174 -17.27 -17.87 26.64
N GLY B 175 -18.53 -17.50 26.52
CA GLY B 175 -19.29 -17.14 27.70
C GLY B 175 -19.47 -15.67 27.97
N GLN B 176 -18.59 -14.82 27.45
CA GLN B 176 -18.69 -13.39 27.72
C GLN B 176 -19.29 -12.48 26.65
N LYS B 177 -19.56 -11.26 27.08
CA LYS B 177 -20.10 -10.25 26.19
C LYS B 177 -18.93 -9.37 25.75
N TYR B 178 -18.89 -9.03 24.47
CA TYR B 178 -17.82 -8.20 23.92
C TYR B 178 -18.30 -6.88 23.34
N LEU B 179 -17.45 -5.86 23.50
CA LEU B 179 -17.68 -4.50 23.01
C LEU B 179 -16.73 -4.28 21.85
N VAL B 180 -17.21 -3.73 20.72
CA VAL B 180 -16.30 -3.47 19.59
C VAL B 180 -16.47 -2.10 18.91
N GLN B 181 -15.33 -1.49 18.56
CA GLN B 181 -15.26 -0.18 17.89
C GLN B 181 -14.32 -0.27 16.69
N THR B 182 -14.47 0.66 15.74
CA THR B 182 -13.61 0.72 14.55
C THR B 182 -13.26 2.14 14.19
N ARG B 183 -12.15 2.28 13.47
CA ARG B 183 -11.69 3.58 13.01
C ARG B 183 -10.99 3.43 11.66
N CYS B 184 -10.87 4.55 10.93
CA CYS B 184 -10.27 4.52 9.61
C CYS B 184 -9.35 5.69 9.35
N LYS B 185 -8.48 5.49 8.37
CA LYS B 185 -7.45 6.46 8.00
C LYS B 185 -7.36 6.46 6.48
N PRO B 186 -7.03 7.61 5.83
CA PRO B 186 -6.89 7.64 4.36
C PRO B 186 -5.51 7.00 4.18
N ASP B 187 -5.04 6.77 2.96
CA ASP B 187 -3.70 6.17 2.83
C ASP B 187 -2.60 7.06 3.45
N HIS B 188 -2.78 8.39 3.40
CA HIS B 188 -1.79 9.31 3.96
C HIS B 188 -2.23 10.39 4.98
N GLY B 189 -3.46 10.35 5.48
CA GLY B 189 -3.84 11.39 6.43
C GLY B 189 -3.86 11.05 7.93
N TYR B 190 -4.87 11.57 8.60
CA TYR B 190 -5.09 11.38 10.04
C TYR B 190 -6.17 10.34 10.33
N TRP B 191 -6.05 9.65 11.47
CA TRP B 191 -7.05 8.67 11.91
C TRP B 191 -8.31 9.39 12.36
N SER B 192 -9.47 8.80 12.08
CA SER B 192 -10.74 9.37 12.55
C SER B 192 -10.90 9.01 14.03
N ARG B 193 -11.97 9.50 14.65
CA ARG B 193 -12.27 9.16 16.04
C ARG B 193 -12.76 7.70 15.98
N TRP B 194 -12.90 7.03 17.13
CA TRP B 194 -13.43 5.66 17.10
C TRP B 194 -14.97 5.71 16.92
N SER B 195 -15.54 4.81 16.14
CA SER B 195 -16.99 4.80 15.94
C SER B 195 -17.71 4.45 17.25
N GLN B 196 -19.04 4.44 17.24
CA GLN B 196 -19.69 4.09 18.49
C GLN B 196 -19.62 2.57 18.65
N GLU B 197 -19.59 2.13 19.92
CA GLU B 197 -19.49 0.72 20.27
C GLU B 197 -20.70 -0.12 20.00
N SER B 198 -20.45 -1.36 19.62
CA SER B 198 -21.50 -2.34 19.38
C SER B 198 -21.18 -3.47 20.36
N SER B 199 -22.19 -4.29 20.65
CA SER B 199 -22.04 -5.40 21.59
C SER B 199 -22.43 -6.72 21.00
N VAL B 200 -21.88 -7.78 21.59
CA VAL B 200 -22.18 -9.13 21.18
C VAL B 200 -21.83 -10.06 22.34
N GLU B 201 -22.58 -11.15 22.47
CA GLU B 201 -22.35 -12.16 23.52
C GLU B 201 -21.94 -13.46 22.84
N MET B 202 -20.69 -13.86 23.03
CA MET B 202 -20.23 -15.08 22.40
C MET B 202 -21.05 -16.28 22.85
N PRO B 203 -21.27 -17.25 21.94
CA PRO B 203 -22.06 -18.41 22.35
C PRO B 203 -21.52 -19.08 23.61
N LYS C 6 8.86 -41.22 -19.48
CA LYS C 6 8.69 -39.76 -19.80
C LYS C 6 9.10 -38.90 -18.59
N PRO C 7 9.69 -37.73 -18.85
CA PRO C 7 10.14 -36.82 -17.78
C PRO C 7 8.94 -36.12 -17.17
N GLU C 8 8.99 -35.85 -15.88
CA GLU C 8 7.89 -35.17 -15.25
C GLU C 8 8.41 -34.05 -14.37
N ILE C 9 7.64 -32.97 -14.38
CA ILE C 9 7.96 -31.80 -13.60
C ILE C 9 7.47 -32.06 -12.16
N HIS C 10 8.41 -32.07 -11.22
CA HIS C 10 8.13 -32.32 -9.81
C HIS C 10 7.39 -31.16 -9.14
N LYS C 11 8.02 -29.97 -9.16
CA LYS C 11 7.45 -28.79 -8.55
C LYS C 11 8.26 -27.49 -8.75
N CYS C 12 7.57 -26.34 -8.83
CA CYS C 12 8.21 -25.04 -8.94
C CYS C 12 7.84 -24.27 -7.68
N ARG C 13 8.77 -23.47 -7.17
CA ARG C 13 8.53 -22.69 -5.97
C ARG C 13 9.25 -21.34 -5.98
N SER C 14 8.66 -20.35 -5.32
CA SER C 14 9.25 -19.02 -5.24
C SER C 14 9.21 -18.54 -3.79
N PRO C 15 10.34 -18.07 -3.27
CA PRO C 15 10.34 -17.60 -1.89
C PRO C 15 9.90 -16.14 -1.63
N ASP C 16 9.78 -15.32 -2.69
CA ASP C 16 9.45 -13.90 -2.51
C ASP C 16 8.82 -13.20 -3.73
N LYS C 17 8.35 -13.98 -4.70
CA LYS C 17 7.76 -13.40 -5.91
C LYS C 17 8.78 -12.64 -6.76
N GLU C 18 10.05 -12.72 -6.42
CA GLU C 18 11.11 -12.02 -7.17
C GLU C 18 12.01 -12.97 -7.98
N THR C 19 12.05 -14.22 -7.58
CA THR C 19 12.82 -15.26 -8.27
C THR C 19 12.03 -16.58 -8.06
N PHE C 20 12.33 -17.62 -8.84
CA PHE C 20 11.68 -18.90 -8.64
C PHE C 20 12.54 -20.05 -9.16
N THR C 21 12.19 -21.27 -8.78
CA THR C 21 12.93 -22.48 -9.14
C THR C 21 11.99 -23.66 -9.45
N CYS C 22 12.27 -24.42 -10.49
CA CYS C 22 11.48 -25.58 -10.84
C CYS C 22 12.44 -26.77 -10.76
N TRP C 23 11.95 -27.91 -10.28
CA TRP C 23 12.72 -29.15 -10.12
C TRP C 23 12.07 -30.25 -10.96
N TRP C 24 12.84 -31.23 -11.41
CA TRP C 24 12.25 -32.29 -12.19
C TRP C 24 12.81 -33.65 -11.81
N ASN C 25 12.20 -34.69 -12.38
CA ASN C 25 12.58 -36.08 -12.15
C ASN C 25 12.87 -36.80 -13.45
N PRO C 26 14.02 -37.48 -13.51
CA PRO C 26 14.51 -38.26 -14.67
C PRO C 26 13.44 -39.12 -15.36
N GLY C 27 13.44 -39.12 -16.69
CA GLY C 27 12.46 -39.88 -17.46
C GLY C 27 12.49 -41.41 -17.45
N THR C 28 13.67 -42.01 -17.50
CA THR C 28 13.80 -43.48 -17.49
C THR C 28 15.15 -43.92 -16.90
N THR C 34 21.37 -39.87 -21.09
CA THR C 34 20.26 -38.93 -21.32
C THR C 34 20.59 -37.51 -20.79
N ASN C 35 20.50 -36.51 -21.66
CA ASN C 35 20.73 -35.12 -21.29
C ASN C 35 19.38 -34.43 -21.05
N TYR C 36 19.21 -33.84 -19.88
CA TYR C 36 17.96 -33.15 -19.53
C TYR C 36 18.04 -31.64 -19.74
N SER C 37 17.11 -31.07 -20.48
CA SER C 37 17.12 -29.62 -20.67
C SER C 37 15.71 -29.07 -20.37
N LEU C 38 15.62 -27.79 -20.06
CA LEU C 38 14.31 -27.19 -19.77
C LEU C 38 14.10 -25.96 -20.61
N THR C 39 12.94 -25.86 -21.23
CA THR C 39 12.60 -24.72 -22.07
C THR C 39 11.23 -24.16 -21.68
N TYR C 40 10.97 -22.93 -22.10
CA TYR C 40 9.71 -22.30 -21.79
C TYR C 40 9.34 -21.21 -22.75
N SER C 41 8.13 -20.69 -22.57
CA SER C 41 7.62 -19.59 -23.34
C SER C 41 6.60 -18.88 -22.48
N LYS C 42 6.12 -17.74 -22.94
CA LYS C 42 5.14 -16.99 -22.19
C LYS C 42 3.82 -17.07 -22.97
N GLU C 43 2.72 -17.22 -22.23
CA GLU C 43 1.39 -17.28 -22.83
C GLU C 43 1.23 -16.15 -23.84
N GLY C 44 1.81 -15.01 -23.54
CA GLY C 44 1.72 -13.89 -24.47
C GLY C 44 2.20 -14.13 -25.90
N GLU C 45 3.52 -14.21 -26.08
CA GLU C 45 4.14 -14.37 -27.39
C GLU C 45 4.45 -15.79 -27.89
N LYS C 46 5.02 -15.88 -29.09
CA LYS C 46 5.36 -17.17 -29.70
C LYS C 46 6.86 -17.46 -29.78
N THR C 47 7.64 -16.86 -28.90
CA THR C 47 9.08 -17.10 -28.87
C THR C 47 9.40 -18.14 -27.80
N THR C 48 10.32 -19.05 -28.10
CA THR C 48 10.71 -20.09 -27.17
C THR C 48 12.04 -19.72 -26.48
N TYR C 49 12.28 -20.20 -25.27
CA TYR C 49 13.53 -19.90 -24.53
C TYR C 49 14.06 -21.13 -23.82
N GLU C 50 15.33 -21.08 -23.42
CA GLU C 50 15.95 -22.19 -22.69
C GLU C 50 16.26 -21.75 -21.27
N CYS C 51 16.33 -22.71 -20.36
CA CYS C 51 16.61 -22.44 -18.96
C CYS C 51 17.82 -21.48 -18.80
N PRO C 52 17.66 -20.41 -18.02
CA PRO C 52 18.80 -19.52 -17.89
C PRO C 52 19.88 -19.90 -16.86
N ASP C 53 19.73 -20.99 -16.11
CA ASP C 53 20.73 -21.32 -15.09
C ASP C 53 20.48 -22.70 -14.44
N TYR C 54 21.35 -23.68 -14.72
CA TYR C 54 21.23 -25.03 -14.16
C TYR C 54 22.18 -25.22 -12.98
N LYS C 55 22.78 -24.15 -12.49
CA LYS C 55 23.72 -24.27 -11.39
C LYS C 55 23.27 -23.85 -9.99
N THR C 56 23.02 -22.56 -9.77
CA THR C 56 22.67 -22.07 -8.45
C THR C 56 21.56 -22.77 -7.63
N SER C 57 20.82 -23.68 -8.24
CA SER C 57 19.75 -24.34 -7.51
C SER C 57 20.02 -25.83 -7.29
N GLY C 58 21.24 -26.24 -7.62
CA GLY C 58 21.59 -27.64 -7.44
C GLY C 58 21.12 -28.52 -8.58
N PRO C 59 21.43 -29.82 -8.54
CA PRO C 59 21.06 -30.79 -9.57
C PRO C 59 19.57 -30.91 -9.92
N ASN C 60 19.35 -31.17 -11.20
CA ASN C 60 18.02 -31.34 -11.75
C ASN C 60 17.09 -30.15 -11.61
N SER C 61 17.65 -28.95 -11.52
CA SER C 61 16.79 -27.78 -11.40
C SER C 61 17.15 -26.60 -12.30
N CYS C 62 16.21 -25.64 -12.37
CA CYS C 62 16.40 -24.43 -13.13
C CYS C 62 16.04 -23.27 -12.20
N PHE C 63 16.94 -22.29 -12.09
CA PHE C 63 16.77 -21.09 -11.28
C PHE C 63 16.52 -19.88 -12.23
N PHE C 64 15.51 -19.07 -11.90
CA PHE C 64 15.13 -17.87 -12.65
C PHE C 64 15.42 -16.65 -11.77
N SER C 65 16.41 -15.85 -12.13
CA SER C 65 16.72 -14.67 -11.32
C SER C 65 15.73 -13.54 -11.59
N LYS C 66 16.00 -12.38 -11.00
CA LYS C 66 15.16 -11.21 -11.18
C LYS C 66 15.06 -10.81 -12.66
N GLN C 67 16.14 -10.99 -13.40
CA GLN C 67 16.14 -10.65 -14.80
C GLN C 67 15.15 -11.48 -15.64
N TYR C 68 14.84 -12.70 -15.19
CA TYR C 68 13.96 -13.59 -15.91
C TYR C 68 12.61 -13.91 -15.26
N THR C 69 12.30 -13.22 -14.17
CA THR C 69 11.07 -13.42 -13.42
C THR C 69 10.08 -12.27 -13.62
N SER C 70 8.84 -12.61 -13.95
CA SER C 70 7.80 -11.60 -14.15
C SER C 70 6.53 -12.09 -13.53
N ILE C 71 5.82 -11.22 -12.81
CA ILE C 71 4.55 -11.59 -12.21
C ILE C 71 3.38 -11.17 -13.13
N TRP C 72 3.67 -10.87 -14.38
CA TRP C 72 2.65 -10.34 -15.28
C TRP C 72 2.28 -11.29 -16.38
N LYS C 73 2.87 -12.47 -16.35
CA LYS C 73 2.58 -13.44 -17.37
C LYS C 73 2.69 -14.87 -16.89
N ILE C 74 2.01 -15.77 -17.62
CA ILE C 74 2.01 -17.19 -17.35
C ILE C 74 3.16 -17.86 -18.11
N TYR C 75 3.95 -18.66 -17.43
CA TYR C 75 5.05 -19.39 -18.06
C TYR C 75 4.57 -20.78 -18.43
N ILE C 76 4.89 -21.23 -19.64
CA ILE C 76 4.54 -22.55 -20.09
C ILE C 76 5.84 -23.34 -20.18
N ILE C 77 6.11 -24.11 -19.13
CA ILE C 77 7.32 -24.89 -18.98
C ILE C 77 7.26 -26.37 -19.38
N THR C 78 8.32 -26.86 -20.01
CA THR C 78 8.35 -28.27 -20.38
C THR C 78 9.78 -28.82 -20.35
N VAL C 79 9.93 -30.02 -19.78
CA VAL C 79 11.23 -30.66 -19.69
C VAL C 79 11.43 -31.66 -20.82
N ASN C 80 12.64 -31.67 -21.39
CA ASN C 80 13.02 -32.55 -22.50
C ASN C 80 14.16 -33.50 -22.13
N ALA C 81 14.16 -34.68 -22.75
CA ALA C 81 15.20 -35.70 -22.53
C ALA C 81 15.60 -36.31 -23.89
N THR C 82 16.91 -36.33 -24.16
CA THR C 82 17.42 -36.88 -25.42
C THR C 82 18.63 -37.77 -25.20
N SER C 88 11.27 -36.38 -26.67
CA SER C 88 10.54 -37.00 -25.57
C SER C 88 10.19 -35.97 -24.49
N SER C 89 9.38 -34.99 -24.87
CA SER C 89 8.97 -33.93 -23.96
C SER C 89 8.16 -34.45 -22.77
N SER C 90 7.73 -33.54 -21.90
CA SER C 90 6.92 -33.90 -20.75
C SER C 90 5.60 -33.16 -20.95
N ASP C 91 4.67 -33.29 -20.02
CA ASP C 91 3.40 -32.58 -20.18
C ASP C 91 3.68 -31.12 -19.86
N PRO C 92 3.26 -30.18 -20.72
CA PRO C 92 3.51 -28.76 -20.46
C PRO C 92 2.87 -28.28 -19.15
N LEU C 93 3.61 -27.48 -18.39
CA LEU C 93 3.14 -26.95 -17.12
C LEU C 93 2.97 -25.42 -17.15
N TYR C 94 1.87 -24.94 -16.57
CA TYR C 94 1.55 -23.52 -16.55
C TYR C 94 1.84 -22.93 -15.17
N VAL C 95 2.70 -21.92 -15.14
CA VAL C 95 3.11 -21.32 -13.88
C VAL C 95 2.86 -19.80 -13.79
N ASP C 96 2.30 -19.40 -12.65
CA ASP C 96 2.03 -18.00 -12.32
C ASP C 96 2.87 -17.87 -11.07
N VAL C 97 3.93 -17.07 -11.14
CA VAL C 97 4.83 -16.89 -10.02
C VAL C 97 4.12 -16.47 -8.73
N THR C 98 2.96 -15.81 -8.83
CA THR C 98 2.26 -15.39 -7.61
C THR C 98 1.49 -16.49 -6.87
N TYR C 99 1.32 -17.67 -7.48
CA TYR C 99 0.62 -18.78 -6.86
C TYR C 99 1.55 -19.88 -6.36
N ILE C 100 2.86 -19.70 -6.48
CA ILE C 100 3.79 -20.75 -6.03
C ILE C 100 4.73 -20.31 -4.94
N VAL C 101 4.32 -19.29 -4.18
CA VAL C 101 5.11 -18.77 -3.08
C VAL C 101 5.03 -19.63 -1.80
N GLU C 102 6.19 -19.98 -1.24
CA GLU C 102 6.26 -20.76 -0.02
C GLU C 102 7.25 -19.99 0.87
N PRO C 103 6.74 -19.07 1.68
CA PRO C 103 7.53 -18.22 2.58
C PRO C 103 8.44 -18.84 3.63
N GLU C 104 8.94 -17.97 4.49
CA GLU C 104 9.82 -18.31 5.58
C GLU C 104 8.97 -18.23 6.85
N PRO C 105 9.36 -18.97 7.91
CA PRO C 105 8.60 -18.95 9.16
C PRO C 105 8.39 -17.55 9.70
N PRO C 106 7.34 -17.35 10.51
CA PRO C 106 7.14 -16.00 11.05
C PRO C 106 8.34 -15.71 11.95
N ARG C 107 8.55 -14.45 12.30
CA ARG C 107 9.69 -14.11 13.16
C ARG C 107 9.35 -13.25 14.37
N ASN C 108 10.36 -13.03 15.20
CA ASN C 108 10.23 -12.24 16.40
C ASN C 108 9.18 -12.87 17.33
N LEU C 109 9.23 -14.19 17.49
CA LEU C 109 8.25 -14.85 18.36
C LEU C 109 8.51 -14.56 19.84
N THR C 110 7.57 -13.87 20.49
CA THR C 110 7.67 -13.58 21.93
C THR C 110 6.48 -14.14 22.72
N LEU C 111 6.75 -14.63 23.92
CA LEU C 111 5.70 -15.21 24.78
C LEU C 111 5.67 -14.49 26.14
N GLU C 112 4.49 -14.08 26.58
CA GLU C 112 4.37 -13.39 27.87
C GLU C 112 3.13 -13.85 28.67
N VAL C 113 3.30 -14.11 29.96
CA VAL C 113 2.18 -14.52 30.80
C VAL C 113 1.46 -13.24 31.26
N LYS C 114 0.13 -13.31 31.30
CA LYS C 114 -0.69 -12.16 31.71
C LYS C 114 -1.75 -12.59 32.71
N LYS C 120 -7.75 -14.35 34.01
CA LYS C 120 -7.02 -14.71 35.23
C LYS C 120 -5.54 -14.79 34.85
N THR C 121 -5.24 -15.71 33.95
CA THR C 121 -3.88 -15.93 33.48
C THR C 121 -3.93 -16.65 32.13
N TYR C 122 -3.45 -15.97 31.09
CA TYR C 122 -3.43 -16.52 29.74
C TYR C 122 -2.08 -16.27 29.12
N LEU C 123 -1.76 -17.01 28.06
CA LEU C 123 -0.49 -16.84 27.36
C LEU C 123 -0.70 -15.94 26.15
N TRP C 124 0.02 -14.81 26.12
CA TRP C 124 -0.06 -13.87 25.02
C TRP C 124 1.05 -14.27 24.07
N VAL C 125 0.69 -14.69 22.85
CA VAL C 125 1.67 -15.11 21.85
C VAL C 125 1.79 -14.02 20.78
N LYS C 126 3.01 -13.63 20.44
CA LYS C 126 3.18 -12.57 19.44
C LYS C 126 4.29 -12.80 18.42
N TRP C 127 4.00 -12.49 17.17
CA TRP C 127 4.98 -12.66 16.11
C TRP C 127 4.93 -11.50 15.11
N SER C 128 5.78 -11.59 14.09
CA SER C 128 5.85 -10.60 13.04
C SER C 128 6.04 -11.43 11.78
N PRO C 129 5.63 -10.91 10.63
CA PRO C 129 5.81 -11.70 9.41
C PRO C 129 7.24 -11.68 8.90
N PRO C 130 7.55 -12.56 7.95
CA PRO C 130 8.89 -12.64 7.35
C PRO C 130 9.07 -11.57 6.26
N THR C 141 -0.75 -9.78 2.27
CA THR C 141 -1.31 -10.33 3.49
C THR C 141 -1.08 -11.82 3.58
N MET C 142 -1.23 -12.35 4.79
CA MET C 142 -1.02 -13.77 5.03
C MET C 142 -1.86 -14.27 6.20
N GLU C 143 -2.12 -15.56 6.20
CA GLU C 143 -2.87 -16.20 7.27
C GLU C 143 -1.80 -16.86 8.11
N TYR C 144 -2.09 -17.16 9.37
CA TYR C 144 -1.10 -17.80 10.23
C TYR C 144 -1.70 -18.99 10.99
N GLU C 145 -0.81 -19.76 11.61
CA GLU C 145 -1.17 -20.91 12.40
C GLU C 145 -0.12 -21.13 13.52
N ILE C 146 -0.54 -21.11 14.78
CA ILE C 146 0.39 -21.35 15.90
C ILE C 146 0.08 -22.72 16.51
N ARG C 147 1.06 -23.33 17.15
CA ARG C 147 0.82 -24.61 17.80
C ARG C 147 1.66 -24.76 19.07
N LEU C 148 1.12 -25.47 20.05
CA LEU C 148 1.80 -25.66 21.33
C LEU C 148 1.52 -26.99 22.01
N LYS C 149 2.60 -27.66 22.41
CA LYS C 149 2.54 -28.94 23.13
C LYS C 149 3.21 -28.69 24.48
N GLU C 155 0.73 -34.32 17.64
CA GLU C 155 0.57 -34.29 19.09
C GLU C 155 0.62 -32.85 19.57
N TRP C 156 0.22 -31.96 18.67
CA TRP C 156 0.20 -30.54 19.01
C TRP C 156 -1.21 -30.04 18.85
N GLU C 157 -1.47 -28.92 19.51
CA GLU C 157 -2.76 -28.25 19.47
C GLU C 157 -2.64 -27.11 18.45
N ILE C 158 -3.20 -27.31 17.26
CA ILE C 158 -3.14 -26.32 16.20
C ILE C 158 -4.19 -25.23 16.43
N HIS C 159 -3.86 -24.00 16.03
CA HIS C 159 -4.77 -22.85 16.17
C HIS C 159 -4.73 -21.95 14.92
N PHE C 160 -5.72 -22.04 14.04
CA PHE C 160 -5.73 -21.17 12.89
C PHE C 160 -6.03 -19.78 13.43
N THR C 161 -5.23 -18.79 13.06
CA THR C 161 -5.42 -17.44 13.58
C THR C 161 -5.84 -16.41 12.52
N GLY C 162 -5.92 -16.83 11.27
CA GLY C 162 -6.34 -15.91 10.23
C GLY C 162 -5.33 -14.82 9.92
N HIS C 163 -5.77 -13.57 9.88
CA HIS C 163 -4.88 -12.46 9.60
C HIS C 163 -4.29 -11.79 10.83
N GLN C 164 -4.69 -12.24 12.01
CA GLN C 164 -4.19 -11.68 13.27
C GLN C 164 -2.70 -12.01 13.41
N THR C 165 -1.94 -11.14 14.08
CA THR C 165 -0.50 -11.37 14.30
C THR C 165 -0.20 -11.45 15.80
N GLN C 166 -1.26 -11.63 16.58
CA GLN C 166 -1.19 -11.78 18.03
C GLN C 166 -2.36 -12.74 18.36
N PHE C 167 -2.19 -13.57 19.40
CA PHE C 167 -3.22 -14.55 19.75
C PHE C 167 -3.32 -14.91 21.26
N LYS C 168 -4.53 -14.95 21.80
CA LYS C 168 -4.74 -15.32 23.22
C LYS C 168 -5.13 -16.81 23.40
N VAL C 169 -4.52 -17.44 24.40
CA VAL C 169 -4.75 -18.83 24.75
C VAL C 169 -5.06 -18.93 26.23
N PHE C 170 -6.23 -19.47 26.57
CA PHE C 170 -6.65 -19.60 27.96
C PHE C 170 -6.65 -21.03 28.50
N ASP C 171 -6.80 -21.12 29.82
CA ASP C 171 -6.86 -22.40 30.51
C ASP C 171 -5.73 -23.38 30.16
N LEU C 172 -4.53 -23.08 30.63
CA LEU C 172 -3.39 -23.97 30.40
C LEU C 172 -2.96 -24.51 31.77
N TYR C 173 -2.16 -25.57 31.78
CA TYR C 173 -1.71 -26.20 33.04
C TYR C 173 -0.63 -25.46 33.85
N PRO C 174 -0.93 -25.11 35.11
CA PRO C 174 0.04 -24.42 35.96
C PRO C 174 1.26 -25.32 36.26
N GLY C 175 2.46 -24.75 36.16
CA GLY C 175 3.67 -25.49 36.42
C GLY C 175 4.14 -26.45 35.32
N GLN C 176 4.23 -25.96 34.09
CA GLN C 176 4.69 -26.77 32.95
C GLN C 176 5.36 -25.85 31.92
N LYS C 177 6.43 -26.33 31.28
CA LYS C 177 7.10 -25.56 30.24
C LYS C 177 6.30 -25.88 28.97
N TYR C 178 5.98 -24.86 28.18
CA TYR C 178 5.23 -25.07 26.95
C TYR C 178 6.05 -24.77 25.70
N LEU C 179 5.92 -25.62 24.68
CA LEU C 179 6.60 -25.45 23.41
C LEU C 179 5.64 -24.79 22.41
N VAL C 180 6.08 -23.76 21.71
CA VAL C 180 5.22 -23.12 20.73
C VAL C 180 5.94 -22.69 19.44
N GLN C 181 5.25 -22.93 18.32
CA GLN C 181 5.76 -22.62 16.99
C GLN C 181 4.71 -21.90 16.12
N THR C 182 5.16 -21.38 14.98
CA THR C 182 4.28 -20.69 14.06
C THR C 182 4.52 -21.10 12.60
N ARG C 183 3.53 -20.85 11.75
CA ARG C 183 3.58 -21.12 10.31
C ARG C 183 2.81 -20.01 9.63
N CYS C 184 3.07 -19.78 8.35
CA CYS C 184 2.33 -18.76 7.63
C CYS C 184 2.15 -19.22 6.20
N LYS C 185 1.17 -18.64 5.51
CA LYS C 185 0.87 -18.99 4.13
C LYS C 185 0.31 -17.76 3.38
N PRO C 186 0.78 -17.52 2.13
CA PRO C 186 0.30 -16.38 1.34
C PRO C 186 -1.17 -16.51 0.98
N ASP C 187 -1.67 -15.54 0.22
CA ASP C 187 -3.07 -15.55 -0.21
C ASP C 187 -3.33 -16.82 -1.02
N HIS C 188 -2.41 -17.15 -1.91
CA HIS C 188 -2.55 -18.35 -2.72
C HIS C 188 -1.26 -19.12 -2.77
N GLY C 189 -0.66 -19.41 -1.62
CA GLY C 189 0.58 -20.14 -1.64
C GLY C 189 0.60 -21.50 -0.95
N TYR C 190 1.78 -21.86 -0.47
CA TYR C 190 2.04 -23.11 0.23
C TYR C 190 2.44 -22.69 1.64
N TRP C 191 2.31 -23.61 2.61
CA TRP C 191 2.66 -23.32 4.00
C TRP C 191 4.16 -23.28 4.14
N SER C 192 4.61 -22.41 5.03
CA SER C 192 6.02 -22.28 5.33
C SER C 192 6.34 -23.38 6.32
N ARG C 193 7.60 -23.75 6.46
CA ARG C 193 7.97 -24.79 7.39
C ARG C 193 7.59 -24.24 8.77
N TRP C 194 7.67 -25.11 9.80
CA TRP C 194 7.37 -24.68 11.17
C TRP C 194 8.51 -23.84 11.69
N SER C 195 8.22 -22.81 12.47
CA SER C 195 9.27 -21.98 13.02
C SER C 195 10.11 -22.79 14.00
N GLN C 196 11.03 -22.12 14.68
CA GLN C 196 11.86 -22.78 15.66
C GLN C 196 11.26 -22.55 17.05
N GLU C 197 11.21 -23.62 17.84
CA GLU C 197 10.65 -23.61 19.18
C GLU C 197 11.00 -22.43 20.09
N SER C 198 10.01 -22.05 20.90
CA SER C 198 10.14 -20.99 21.89
C SER C 198 9.47 -21.60 23.12
N SER C 199 10.02 -21.37 24.31
CA SER C 199 9.40 -21.91 25.51
C SER C 199 9.00 -20.84 26.49
N VAL C 200 8.12 -21.21 27.40
CA VAL C 200 7.63 -20.31 28.44
C VAL C 200 7.10 -21.24 29.53
N GLU C 201 7.04 -20.75 30.77
CA GLU C 201 6.56 -21.54 31.90
C GLU C 201 5.39 -20.91 32.64
N MET C 202 4.29 -21.65 32.74
CA MET C 202 3.10 -21.17 33.43
C MET C 202 3.31 -21.20 34.93
N PRO C 203 3.03 -20.07 35.61
CA PRO C 203 3.18 -19.95 37.06
C PRO C 203 2.68 -21.17 37.81
N ASN C 204 3.36 -21.49 38.91
CA ASN C 204 2.99 -22.64 39.74
C ASN C 204 1.74 -22.35 40.54
#